data_5D2Q
#
_entry.id   5D2Q
#
_cell.length_a   45.890
_cell.length_b   45.890
_cell.length_c   240.380
_cell.angle_alpha   90.00
_cell.angle_beta   90.00
_cell.angle_gamma   90.00
#
_symmetry.space_group_name_H-M   'P 43 21 2'
#
loop_
_entity.id
_entity.type
_entity.pdbx_description
1 polymer 'Fibroin-modulator-binding protein-1'
2 polymer 'DNA (40-MER)'
3 water water
#
loop_
_entity_poly.entity_id
_entity_poly.type
_entity_poly.pdbx_seq_one_letter_code
_entity_poly.pdbx_strand_id
1 'polypeptide(L)'
;(MSE)HHHHHHETSEERAARLAK(MSE)SAYAAQRLANESPEQRATRLKR(MSE)SEYAAKRLSSETREQRAIRLAR
(MSE)SAYAARRLANETPAQRQARLLR(MSE)SAYAAKRQASKKS
;
A
2 'polydeoxyribonucleotide'
;(DG)(DA)(DT)(DG)(DA)(DA)(DT)(DC)(DT)(DA)(DT)(DG)(DT)(DA)(DA)(DA)(DT)(DA)(DC)(DT)
(DA)(DG)(DT)(DA)(DT)(DT)(DT)(DA)(DC)(DA)(DT)(DA)(DG)(DA)(DT)(DT)(DC)(DA)(DT)(DC)
;
B
#
loop_
_chem_comp.id
_chem_comp.type
_chem_comp.name
_chem_comp.formula
DA DNA linking 2'-DEOXYADENOSINE-5'-MONOPHOSPHATE 'C10 H14 N5 O6 P'
DC DNA linking 2'-DEOXYCYTIDINE-5'-MONOPHOSPHATE 'C9 H14 N3 O7 P'
DG DNA linking 2'-DEOXYGUANOSINE-5'-MONOPHOSPHATE 'C10 H14 N5 O7 P'
DT DNA linking THYMIDINE-5'-MONOPHOSPHATE 'C10 H15 N2 O8 P'
#
# COMPACT_ATOMS: atom_id res chain seq x y z
N ALA A 22 -2.17 -3.75 -24.21
CA ALA A 22 -1.27 -4.89 -24.05
C ALA A 22 0.16 -4.46 -24.33
N TYR A 23 0.37 -3.15 -24.28
CA TYR A 23 1.66 -2.53 -24.58
C TYR A 23 2.46 -2.34 -23.31
N ALA A 24 1.96 -2.94 -22.24
CA ALA A 24 2.57 -2.88 -20.94
C ALA A 24 3.92 -3.54 -20.97
N ALA A 25 3.99 -4.63 -21.70
CA ALA A 25 5.05 -5.58 -21.56
C ALA A 25 6.34 -4.85 -21.75
N GLN A 26 6.35 -3.87 -22.64
CA GLN A 26 7.56 -3.11 -22.88
C GLN A 26 8.07 -2.39 -21.66
N ARG A 27 7.18 -1.77 -20.89
CA ARG A 27 7.59 -0.92 -19.76
C ARG A 27 8.29 -1.70 -18.70
N LEU A 28 7.78 -2.90 -18.46
CA LEU A 28 8.38 -3.82 -17.51
C LEU A 28 9.86 -3.86 -17.74
N ALA A 29 10.26 -3.83 -18.99
CA ALA A 29 11.66 -3.85 -19.27
C ALA A 29 12.43 -2.65 -18.73
N ASN A 30 11.93 -1.42 -18.86
CA ASN A 30 12.75 -0.26 -18.52
C ASN A 30 13.15 -0.20 -17.06
N GLU A 31 14.46 -0.29 -16.84
CA GLU A 31 15.05 -0.44 -15.53
C GLU A 31 16.28 0.44 -15.46
N SER A 32 16.48 1.18 -14.39
CA SER A 32 17.46 2.28 -14.46
C SER A 32 18.26 2.74 -13.24
N PRO A 33 19.20 3.61 -13.51
CA PRO A 33 20.21 4.06 -12.55
C PRO A 33 19.78 5.22 -11.68
N GLU A 34 18.95 4.96 -10.67
CA GLU A 34 18.76 5.94 -9.62
C GLU A 34 18.46 7.28 -10.26
N GLN A 35 18.00 7.22 -11.50
CA GLN A 35 16.93 8.00 -12.08
C GLN A 35 15.61 7.52 -11.47
N ARG A 36 15.64 6.27 -11.02
CA ARG A 36 14.57 5.59 -10.33
C ARG A 36 14.27 6.31 -9.05
N ALA A 37 15.23 7.04 -8.52
CA ALA A 37 14.91 7.89 -7.42
C ALA A 37 14.03 9.05 -7.84
N THR A 38 14.31 9.59 -9.01
CA THR A 38 13.58 10.72 -9.53
C THR A 38 12.14 10.35 -9.80
N ARG A 39 11.96 9.13 -10.28
CA ARG A 39 10.69 8.64 -10.71
C ARG A 39 9.74 8.53 -9.52
N LEU A 40 10.23 7.89 -8.46
CA LEU A 40 9.53 7.72 -7.20
C LEU A 40 9.18 9.04 -6.57
N LYS A 41 10.15 9.92 -6.43
CA LYS A 41 9.89 11.28 -5.98
C LYS A 41 8.71 11.95 -6.71
N ARG A 42 8.59 11.66 -8.01
CA ARG A 42 7.49 12.18 -8.85
C ARG A 42 6.19 11.40 -8.64
N MSE A 43 6.28 10.09 -8.45
CA MSE A 43 5.11 9.29 -8.20
C MSE A 43 4.49 9.78 -6.92
O MSE A 43 3.25 9.82 -6.79
CB MSE A 43 5.51 7.83 -8.04
CG MSE A 43 4.28 6.92 -8.00
SE MSE A 43 3.81 6.36 -9.82
CE MSE A 43 4.95 4.75 -9.91
N SER A 44 5.34 10.14 -5.96
CA SER A 44 4.90 10.44 -4.63
C SER A 44 4.42 11.83 -4.63
N GLU A 45 4.93 12.63 -5.53
CA GLU A 45 4.36 13.98 -5.73
C GLU A 45 2.97 14.01 -6.37
N TYR A 46 2.67 13.15 -7.35
CA TYR A 46 1.33 13.09 -7.93
C TYR A 46 0.29 12.67 -6.86
N ALA A 47 0.63 11.59 -6.16
CA ALA A 47 -0.16 10.98 -5.07
C ALA A 47 -0.60 11.99 -4.09
N ALA A 48 0.34 12.77 -3.59
CA ALA A 48 0.08 13.73 -2.54
C ALA A 48 -1.01 14.72 -2.99
N LYS A 49 -0.76 15.22 -4.20
CA LYS A 49 -1.56 16.21 -4.90
C LYS A 49 -2.93 15.64 -5.13
N ARG A 50 -2.99 14.41 -5.65
CA ARG A 50 -4.25 13.68 -5.92
C ARG A 50 -5.13 13.63 -4.66
N LEU A 51 -4.55 13.32 -3.51
CA LEU A 51 -5.23 13.24 -2.24
C LEU A 51 -5.72 14.55 -1.72
N SER A 52 -5.00 15.63 -2.01
CA SER A 52 -5.42 17.02 -1.70
C SER A 52 -6.60 17.52 -2.49
N SER A 53 -6.83 16.95 -3.67
CA SER A 53 -7.96 17.26 -4.52
C SER A 53 -9.14 16.40 -4.14
N GLU A 54 -8.95 15.50 -3.22
CA GLU A 54 -9.92 14.45 -3.01
C GLU A 54 -11.09 14.98 -2.19
N THR A 55 -12.31 14.81 -2.70
CA THR A 55 -13.49 15.11 -1.89
C THR A 55 -13.75 14.07 -0.82
N ARG A 56 -14.46 14.46 0.22
CA ARG A 56 -14.78 13.56 1.28
C ARG A 56 -15.55 12.27 0.81
N GLU A 57 -16.40 12.40 -0.23
CA GLU A 57 -17.04 11.21 -0.82
C GLU A 57 -16.04 10.27 -1.50
N GLN A 58 -15.09 10.88 -2.19
CA GLN A 58 -14.08 10.15 -2.90
C GLN A 58 -13.13 9.41 -1.98
N ARG A 59 -12.68 10.09 -0.93
CA ARG A 59 -11.86 9.47 0.11
C ARG A 59 -12.64 8.30 0.74
N ALA A 60 -13.83 8.53 1.21
CA ALA A 60 -14.63 7.34 1.71
C ALA A 60 -14.70 6.27 0.72
N ILE A 61 -14.96 6.55 -0.52
CA ILE A 61 -14.91 5.45 -1.45
C ILE A 61 -13.55 4.75 -1.59
N ARG A 62 -12.41 5.46 -1.55
CA ARG A 62 -11.09 4.86 -1.65
C ARG A 62 -10.74 3.97 -0.43
N LEU A 63 -11.06 4.47 0.74
CA LEU A 63 -10.89 3.69 1.94
C LEU A 63 -11.85 2.50 1.91
N ALA A 64 -13.08 2.64 1.42
CA ALA A 64 -13.97 1.48 1.38
C ALA A 64 -13.49 0.30 0.56
N ARG A 65 -13.04 0.53 -0.65
CA ARG A 65 -12.21 -0.47 -1.37
C ARG A 65 -11.02 -1.07 -0.58
N MSE A 66 -10.20 -0.22 0.04
CA MSE A 66 -9.03 -0.62 0.73
C MSE A 66 -9.39 -1.47 1.89
O MSE A 66 -8.88 -2.56 1.99
CB MSE A 66 -8.36 0.67 1.24
CG MSE A 66 -6.85 0.73 1.16
SE MSE A 66 -5.97 2.41 1.71
CE MSE A 66 -6.37 2.47 3.59
N SER A 67 -10.32 -1.07 2.71
CA SER A 67 -10.88 -2.06 3.72
C SER A 67 -11.47 -3.32 3.06
N ALA A 68 -12.01 -3.20 1.88
CA ALA A 68 -12.52 -4.47 1.22
C ALA A 68 -11.40 -5.42 0.81
N TYR A 69 -10.31 -4.84 0.29
CA TYR A 69 -9.14 -5.60 -0.16
C TYR A 69 -8.43 -6.31 0.99
N ALA A 70 -8.29 -5.60 2.10
CA ALA A 70 -7.74 -6.17 3.30
C ALA A 70 -8.58 -7.30 3.88
N ALA A 71 -9.89 -7.12 3.86
CA ALA A 71 -10.75 -8.21 4.40
C ALA A 71 -10.55 -9.42 3.60
N ARG A 72 -10.37 -9.23 2.29
CA ARG A 72 -10.16 -10.37 1.41
C ARG A 72 -8.88 -11.11 1.81
N ARG A 73 -7.77 -10.37 1.75
CA ARG A 73 -6.45 -10.83 2.04
C ARG A 73 -6.40 -11.48 3.37
N LEU A 74 -7.06 -10.92 4.38
CA LEU A 74 -7.21 -11.65 5.68
C LEU A 74 -8.03 -12.94 5.56
N ALA A 75 -9.07 -12.94 4.77
CA ALA A 75 -9.78 -14.20 4.58
C ALA A 75 -8.93 -15.26 3.85
N ASN A 76 -7.91 -14.87 3.09
CA ASN A 76 -7.09 -15.83 2.36
C ASN A 76 -5.71 -16.03 2.88
N GLU A 77 -5.52 -15.67 4.13
CA GLU A 77 -4.17 -15.77 4.65
C GLU A 77 -3.85 -17.26 5.00
N THR A 78 -2.63 -17.70 4.74
CA THR A 78 -2.15 -18.98 5.19
C THR A 78 -1.92 -18.91 6.71
N PRO A 79 -1.64 -20.03 7.38
CA PRO A 79 -1.44 -19.93 8.83
C PRO A 79 -0.10 -19.35 9.10
N ALA A 80 0.81 -19.52 8.17
CA ALA A 80 2.12 -18.89 8.31
C ALA A 80 1.97 -17.36 8.30
N GLN A 81 1.31 -16.84 7.29
CA GLN A 81 0.97 -15.38 7.26
C GLN A 81 0.25 -14.86 8.50
N ARG A 82 -0.80 -15.56 8.90
CA ARG A 82 -1.53 -15.28 10.11
C ARG A 82 -0.66 -15.18 11.29
N GLN A 83 0.15 -16.19 11.56
CA GLN A 83 0.94 -16.15 12.72
C GLN A 83 2.00 -15.00 12.66
N ALA A 84 2.69 -14.83 11.55
CA ALA A 84 3.68 -13.71 11.46
C ALA A 84 2.96 -12.36 11.76
N ARG A 85 1.68 -12.27 11.36
CA ARG A 85 0.93 -11.00 11.56
C ARG A 85 0.59 -10.87 13.07
N LEU A 86 -0.06 -11.87 13.63
CA LEU A 86 -0.21 -11.95 15.08
C LEU A 86 1.11 -11.70 15.86
N LEU A 87 2.19 -12.38 15.54
CA LEU A 87 3.42 -12.14 16.31
C LEU A 87 3.89 -10.72 16.22
N ARG A 88 3.81 -10.23 15.02
CA ARG A 88 4.20 -8.82 14.78
C ARG A 88 3.38 -7.81 15.56
N MSE A 89 2.07 -7.95 15.54
CA MSE A 89 1.21 -7.05 16.27
C MSE A 89 1.25 -7.17 17.74
O MSE A 89 1.27 -6.18 18.45
CB MSE A 89 -0.20 -7.16 15.73
CG MSE A 89 -0.28 -6.56 14.35
SE MSE A 89 -0.19 -4.61 14.35
CE MSE A 89 -1.37 -4.24 15.84
N SER A 90 1.27 -8.40 18.22
CA SER A 90 1.59 -8.75 19.61
C SER A 90 2.82 -7.98 20.13
N ALA A 91 3.92 -8.08 19.40
CA ALA A 91 5.19 -7.35 19.69
C ALA A 91 5.10 -5.84 19.65
N TYR A 92 4.29 -5.38 18.71
CA TYR A 92 4.06 -3.93 18.52
C TYR A 92 3.24 -3.34 19.65
N ALA A 93 2.11 -4.02 19.93
CA ALA A 93 1.18 -3.57 20.99
C ALA A 93 1.88 -3.60 22.34
N ALA A 94 2.53 -4.75 22.60
CA ALA A 94 3.33 -4.94 23.81
C ALA A 94 4.38 -3.82 23.94
N LYS A 95 5.11 -3.55 22.85
CA LYS A 95 6.17 -2.54 22.88
C LYS A 95 5.63 -1.14 23.15
N ARG A 96 4.42 -0.86 22.69
CA ARG A 96 3.81 0.43 23.00
C ARG A 96 3.21 0.38 24.40
N GLN A 97 4.11 0.44 25.39
CA GLN A 97 3.80 0.85 26.77
C GLN A 97 4.62 2.10 27.13
N ALA A 98 5.54 2.46 26.23
CA ALA A 98 6.33 3.67 26.33
C ALA A 98 5.46 4.92 26.56
#